data_7MMB
#
_entry.id   7MMB
#
_cell.length_a   54.316
_cell.length_b   59.492
_cell.length_c   58.731
_cell.angle_alpha   90.000
_cell.angle_beta   90.000
_cell.angle_gamma   90.000
#
_symmetry.space_group_name_H-M   'P 21 21 21'
#
loop_
_entity.id
_entity.type
_entity.pdbx_description
1 polymer 'NS3 protease'
2 non-polymer 'cyclobutyl {(2R,4S,6S,12Z,13aS,14aR,16aS)-2-[(7-methoxy-3-methylquinoxalin-2-yl)oxy]-14a-[(1-methylcyclopropane-1-sulfonyl)carbamoyl]-5,16-dioxo-1,2,3,5,6,7,8,9,10,11,13a,14,14a,15,16,16a-hexadecahydrocyclopropa[e]pyrrolo[1,2-a][1,4]diazacyclopentadecin-6-yl}carbamate'
3 non-polymer 1,2-ETHANEDIOL
4 non-polymer 'ZINC ION'
5 non-polymer 'SULFATE ION'
6 water water
#
_entity_poly.entity_id   1
_entity_poly.type   'polypeptide(L)'
_entity_poly.pdbx_seq_one_letter_code
;HMASMKKKGSVVIVGRINLSGDTAYAQQTRGEEGCQETSQTGRDKNQVEGEVQIVSTATQTFLATSINGVLWTVYHGAGT
RTIASPKGPVTQMYTNVDKDLVGWQAPQGSRSLTPCTCGSSDLYLVTRHADVIPVRRRGDSRGSLLSPRPISYLKGSSGG
PLLCPAGHAVGIFRAAVSTRGVAKAVAFIPVESLETTSRS
;
_entity_poly.pdbx_strand_id   A
#
# COMPACT_ATOMS: atom_id res chain seq x y z
N MET A 2 -8.34 -25.66 20.64
CA MET A 2 -7.61 -26.46 19.65
C MET A 2 -8.55 -26.89 18.52
N ALA A 3 -9.52 -27.73 18.86
CA ALA A 3 -10.57 -28.10 17.92
C ALA A 3 -11.46 -26.89 17.67
N LYS A 6 -9.37 -21.04 15.96
CA LYS A 6 -9.81 -20.29 14.79
C LYS A 6 -8.63 -19.77 13.97
N LYS A 7 -8.91 -19.45 12.71
CA LYS A 7 -7.92 -18.92 11.78
C LYS A 7 -8.12 -17.41 11.60
N LYS A 8 -7.02 -16.72 11.33
CA LYS A 8 -7.12 -15.32 10.90
C LYS A 8 -7.59 -15.29 9.45
N GLY A 9 -8.24 -14.20 9.08
CA GLY A 9 -8.72 -14.05 7.74
C GLY A 9 -7.65 -13.54 6.78
N SER A 10 -7.99 -13.56 5.50
CA SER A 10 -7.12 -13.03 4.47
C SER A 10 -7.26 -11.51 4.38
N VAL A 11 -6.18 -10.86 3.95
CA VAL A 11 -6.29 -9.51 3.41
C VAL A 11 -7.15 -9.57 2.15
N VAL A 12 -8.00 -8.55 1.98
CA VAL A 12 -8.91 -8.44 0.86
C VAL A 12 -8.72 -7.10 0.18
N ILE A 13 -8.66 -7.11 -1.15
CA ILE A 13 -8.70 -5.88 -1.94
C ILE A 13 -10.15 -5.39 -1.99
N VAL A 14 -10.38 -4.15 -1.53
CA VAL A 14 -11.72 -3.56 -1.49
C VAL A 14 -11.84 -2.33 -2.38
N GLY A 15 -10.76 -1.91 -3.03
CA GLY A 15 -10.81 -0.79 -3.96
C GLY A 15 -9.43 -0.50 -4.51
N ARG A 16 -9.32 0.67 -5.15
CA ARG A 16 -8.06 1.08 -5.74
C ARG A 16 -8.04 2.60 -5.82
N ILE A 17 -6.81 3.14 -5.93
CA ILE A 17 -6.60 4.54 -6.26
C ILE A 17 -6.30 4.63 -7.74
N ASN A 18 -7.15 5.34 -8.48
CA ASN A 18 -7.00 5.43 -9.94
C ASN A 18 -6.08 6.60 -10.24
N LEU A 19 -4.95 6.30 -10.86
CA LEU A 19 -3.96 7.28 -11.30
C LEU A 19 -3.84 7.30 -12.82
N SER A 20 -4.86 6.80 -13.51
CA SER A 20 -4.80 6.59 -14.95
C SER A 20 -4.92 7.91 -15.72
N GLY A 21 -5.80 8.79 -15.25
CA GLY A 21 -6.15 9.95 -16.04
C GLY A 21 -5.56 11.25 -15.54
N ASP A 22 -6.33 12.33 -15.64
CA ASP A 22 -5.93 13.64 -15.18
C ASP A 22 -6.17 13.86 -13.70
N THR A 23 -7.14 13.14 -13.13
CA THR A 23 -7.54 13.27 -11.74
C THR A 23 -7.22 11.97 -11.00
N ALA A 24 -6.70 12.08 -9.78
CA ALA A 24 -6.52 10.93 -8.91
C ALA A 24 -7.82 10.74 -8.13
N TYR A 25 -8.33 9.51 -8.12
CA TYR A 25 -9.56 9.28 -7.37
C TYR A 25 -9.63 7.84 -6.88
N ALA A 26 -10.21 7.69 -5.70
CA ALA A 26 -10.44 6.38 -5.14
C ALA A 26 -11.70 5.76 -5.73
N GLN A 27 -11.65 4.45 -5.95
CA GLN A 27 -12.79 3.65 -6.39
C GLN A 27 -12.94 2.50 -5.41
N GLN A 28 -14.16 2.26 -4.95
CA GLN A 28 -14.43 1.10 -4.12
C GLN A 28 -14.95 -0.02 -5.01
N THR A 29 -14.40 -1.24 -4.81
CA THR A 29 -14.81 -2.40 -5.60
C THR A 29 -15.54 -3.45 -4.78
N ARG A 30 -15.52 -3.36 -3.45
N ARG A 30 -15.54 -3.36 -3.46
CA ARG A 30 -16.19 -4.33 -2.60
CA ARG A 30 -16.19 -4.34 -2.59
C ARG A 30 -16.62 -3.66 -1.30
C ARG A 30 -16.62 -3.67 -1.29
N GLY A 31 -17.87 -3.91 -0.91
CA GLY A 31 -18.40 -3.37 0.34
C GLY A 31 -18.07 -4.22 1.57
N GLU A 32 -18.50 -3.73 2.73
CA GLU A 32 -18.09 -4.30 4.02
C GLU A 32 -18.48 -5.77 4.13
N GLU A 33 -19.67 -6.14 3.66
CA GLU A 33 -20.16 -7.50 3.83
C GLU A 33 -19.39 -8.47 2.94
N GLY A 34 -19.17 -8.10 1.68
CA GLY A 34 -18.38 -8.94 0.80
C GLY A 34 -16.94 -9.03 1.25
N CYS A 35 -16.42 -7.94 1.83
CA CYS A 35 -15.07 -7.98 2.37
C CYS A 35 -14.96 -9.00 3.50
N GLN A 36 -15.90 -8.94 4.46
CA GLN A 36 -15.89 -9.89 5.56
C GLN A 36 -15.95 -11.32 5.05
N GLU A 37 -16.87 -11.60 4.13
CA GLU A 37 -16.99 -12.96 3.62
C GLU A 37 -15.73 -13.41 2.88
N THR A 38 -15.18 -12.52 2.05
CA THR A 38 -13.98 -12.86 1.28
C THR A 38 -12.76 -13.03 2.19
N SER A 39 -12.73 -12.33 3.31
CA SER A 39 -11.62 -12.51 4.23
C SER A 39 -11.66 -13.89 4.88
N GLN A 40 -12.86 -14.40 5.16
CA GLN A 40 -12.99 -15.73 5.78
C GLN A 40 -12.71 -16.83 4.76
N THR A 41 -13.24 -16.70 3.54
CA THR A 41 -13.02 -17.74 2.55
C THR A 41 -11.65 -17.64 1.88
N GLY A 42 -11.12 -16.43 1.73
CA GLY A 42 -9.93 -16.27 0.94
C GLY A 42 -10.14 -16.33 -0.55
N ARG A 43 -11.38 -16.34 -1.00
CA ARG A 43 -11.74 -16.48 -2.41
C ARG A 43 -12.29 -15.15 -2.90
N ASP A 44 -11.52 -14.48 -3.78
CA ASP A 44 -11.88 -13.19 -4.34
C ASP A 44 -11.91 -13.35 -5.86
N LYS A 45 -13.11 -13.31 -6.44
CA LYS A 45 -13.32 -13.42 -7.87
C LYS A 45 -13.34 -12.08 -8.58
N ASN A 46 -13.11 -10.97 -7.88
CA ASN A 46 -13.24 -9.66 -8.51
C ASN A 46 -12.02 -9.35 -9.35
N GLN A 47 -12.25 -8.74 -10.52
CA GLN A 47 -11.16 -8.28 -11.35
C GLN A 47 -10.37 -7.19 -10.62
N VAL A 48 -9.06 -7.21 -10.81
CA VAL A 48 -8.15 -6.27 -10.17
C VAL A 48 -7.54 -5.39 -11.26
N GLU A 49 -7.46 -4.09 -11.01
CA GLU A 49 -6.78 -3.17 -11.92
C GLU A 49 -5.91 -2.20 -11.14
N GLY A 50 -4.94 -1.63 -11.84
CA GLY A 50 -4.18 -0.51 -11.30
C GLY A 50 -2.99 -0.93 -10.46
N GLU A 51 -2.34 0.10 -9.92
CA GLU A 51 -1.08 -0.02 -9.17
C GLU A 51 -1.26 0.02 -7.66
N VAL A 52 -2.18 0.86 -7.18
CA VAL A 52 -2.40 1.06 -5.75
C VAL A 52 -3.77 0.49 -5.41
N GLN A 53 -3.75 -0.57 -4.61
CA GLN A 53 -4.94 -1.22 -4.13
C GLN A 53 -5.26 -0.71 -2.73
N ILE A 54 -6.55 -0.57 -2.45
CA ILE A 54 -7.04 -0.40 -1.10
C ILE A 54 -7.37 -1.78 -0.55
N VAL A 55 -6.88 -2.09 0.64
CA VAL A 55 -7.02 -3.43 1.20
C VAL A 55 -7.55 -3.35 2.60
N SER A 56 -8.17 -4.45 3.04
N SER A 56 -8.18 -4.45 3.03
CA SER A 56 -8.78 -4.50 4.35
CA SER A 56 -8.77 -4.50 4.35
C SER A 56 -8.63 -5.88 4.95
C SER A 56 -8.61 -5.89 4.95
N THR A 57 -8.55 -5.92 6.27
CA THR A 57 -8.76 -7.11 7.06
C THR A 57 -10.15 -6.98 7.68
N ALA A 58 -10.45 -7.86 8.64
CA ALA A 58 -11.68 -7.69 9.40
C ALA A 58 -11.63 -6.44 10.26
N THR A 59 -10.41 -5.99 10.65
CA THR A 59 -10.23 -4.97 11.66
C THR A 59 -9.47 -3.73 11.20
N GLN A 60 -8.76 -3.78 10.07
CA GLN A 60 -7.96 -2.65 9.63
C GLN A 60 -8.11 -2.47 8.12
N THR A 61 -7.95 -1.23 7.66
CA THR A 61 -7.86 -0.93 6.25
C THR A 61 -6.64 -0.05 5.99
N PHE A 62 -6.03 -0.27 4.83
CA PHE A 62 -4.77 0.38 4.47
C PHE A 62 -4.57 0.18 2.97
N LEU A 63 -3.35 0.43 2.47
CA LEU A 63 -3.07 0.34 1.05
C LEU A 63 -2.03 -0.74 0.76
N ALA A 64 -1.98 -1.14 -0.51
CA ALA A 64 -0.95 -2.03 -1.03
C ALA A 64 -0.63 -1.63 -2.47
N THR A 65 0.65 -1.70 -2.82
CA THR A 65 1.19 -1.15 -4.05
C THR A 65 2.02 -2.17 -4.80
N SER A 66 1.76 -2.33 -6.10
CA SER A 66 2.48 -3.26 -6.95
C SER A 66 3.69 -2.55 -7.54
N ILE A 67 4.86 -3.10 -7.21
CA ILE A 67 6.16 -2.69 -7.76
C ILE A 67 6.88 -3.96 -8.21
N ASN A 68 7.29 -3.99 -9.48
N ASN A 68 7.29 -4.01 -9.47
CA ASN A 68 8.05 -5.10 -10.06
CA ASN A 68 8.09 -5.13 -10.01
C ASN A 68 7.39 -6.45 -9.82
C ASN A 68 7.39 -6.48 -9.82
N GLY A 69 6.07 -6.50 -10.01
CA GLY A 69 5.36 -7.77 -9.95
C GLY A 69 5.08 -8.30 -8.56
N VAL A 70 5.27 -7.48 -7.53
CA VAL A 70 4.95 -7.82 -6.16
C VAL A 70 3.97 -6.77 -5.63
N LEU A 71 2.92 -7.23 -4.96
CA LEU A 71 2.04 -6.33 -4.21
C LEU A 71 2.60 -6.18 -2.80
N TRP A 72 3.08 -4.99 -2.49
CA TRP A 72 3.74 -4.68 -1.24
C TRP A 72 2.79 -3.96 -0.28
N THR A 73 2.91 -4.27 1.01
CA THR A 73 2.25 -3.48 2.05
C THR A 73 3.04 -3.61 3.35
N VAL A 74 2.43 -3.13 4.45
CA VAL A 74 3.11 -3.02 5.74
C VAL A 74 2.72 -4.21 6.63
N TYR A 75 3.72 -4.71 7.35
CA TYR A 75 3.50 -5.79 8.30
C TYR A 75 2.56 -5.36 9.43
N HIS A 76 2.57 -4.08 9.82
CA HIS A 76 1.69 -3.67 10.90
C HIS A 76 0.23 -3.62 10.48
N GLY A 77 -0.05 -3.67 9.17
CA GLY A 77 -1.41 -3.87 8.69
C GLY A 77 -1.75 -5.33 8.40
N ALA A 78 -0.90 -6.02 7.64
CA ALA A 78 -1.23 -7.34 7.14
C ALA A 78 -0.79 -8.47 8.07
N GLY A 79 0.09 -8.20 9.02
CA GLY A 79 0.74 -9.29 9.73
C GLY A 79 1.31 -10.30 8.76
N THR A 80 1.14 -11.59 9.10
CA THR A 80 1.55 -12.70 8.25
C THR A 80 0.39 -13.27 7.43
N ARG A 81 -0.69 -12.50 7.28
CA ARG A 81 -1.88 -13.00 6.64
C ARG A 81 -1.67 -13.32 5.15
N THR A 82 -2.44 -14.30 4.70
CA THR A 82 -2.67 -14.53 3.30
C THR A 82 -3.47 -13.38 2.70
N ILE A 83 -3.46 -13.32 1.36
CA ILE A 83 -4.32 -12.41 0.62
C ILE A 83 -5.32 -13.24 -0.18
N ALA A 84 -6.55 -12.75 -0.28
CA ALA A 84 -7.59 -13.44 -1.04
C ALA A 84 -7.31 -13.35 -2.54
N SER A 85 -7.60 -14.44 -3.25
CA SER A 85 -7.36 -14.54 -4.68
C SER A 85 -8.43 -15.41 -5.32
N PRO A 86 -8.51 -15.42 -6.65
CA PRO A 86 -9.55 -16.22 -7.32
C PRO A 86 -9.48 -17.70 -7.00
N LYS A 87 -8.31 -18.23 -6.65
CA LYS A 87 -8.16 -19.65 -6.37
C LYS A 87 -7.93 -19.92 -4.89
N GLY A 88 -8.15 -18.93 -4.04
CA GLY A 88 -8.03 -19.12 -2.61
C GLY A 88 -6.94 -18.26 -2.00
N PRO A 89 -6.67 -18.46 -0.72
CA PRO A 89 -5.69 -17.61 -0.04
C PRO A 89 -4.30 -17.86 -0.57
N VAL A 90 -3.54 -16.78 -0.71
CA VAL A 90 -2.19 -16.80 -1.24
C VAL A 90 -1.23 -16.40 -0.14
N THR A 91 -0.21 -17.22 0.07
CA THR A 91 0.76 -17.01 1.12
C THR A 91 1.75 -15.92 0.74
N GLN A 92 2.16 -15.14 1.75
CA GLN A 92 3.15 -14.10 1.52
C GLN A 92 4.42 -14.67 0.90
N MET A 93 4.91 -13.94 -0.09
CA MET A 93 6.15 -14.19 -0.80
C MET A 93 7.33 -13.51 -0.08
N TYR A 94 7.06 -12.41 0.60
CA TYR A 94 8.05 -11.69 1.39
C TYR A 94 7.44 -11.31 2.73
N THR A 95 8.22 -11.48 3.80
CA THR A 95 7.85 -11.01 5.14
C THR A 95 9.10 -10.49 5.83
N ASN A 96 9.09 -9.21 6.22
CA ASN A 96 10.23 -8.62 6.95
C ASN A 96 9.73 -7.62 8.00
N VAL A 97 9.53 -8.13 9.22
CA VAL A 97 9.04 -7.33 10.33
C VAL A 97 10.02 -6.23 10.68
N ASP A 98 11.32 -6.46 10.44
CA ASP A 98 12.34 -5.44 10.72
C ASP A 98 12.17 -4.22 9.82
N LYS A 99 11.61 -4.39 8.63
CA LYS A 99 11.33 -3.29 7.72
C LYS A 99 9.87 -2.84 7.74
N ASP A 100 9.01 -3.53 8.49
CA ASP A 100 7.56 -3.32 8.48
C ASP A 100 6.97 -3.62 7.10
N LEU A 101 7.43 -4.71 6.48
CA LEU A 101 7.21 -4.96 5.07
C LEU A 101 6.71 -6.39 4.84
N VAL A 102 5.69 -6.52 4.00
CA VAL A 102 5.28 -7.81 3.49
C VAL A 102 4.93 -7.65 2.02
N GLY A 103 4.90 -8.77 1.32
CA GLY A 103 4.57 -8.76 -0.08
C GLY A 103 4.06 -10.09 -0.55
N TRP A 104 3.13 -10.03 -1.51
CA TRP A 104 2.60 -11.16 -2.26
C TRP A 104 2.86 -10.96 -3.75
N GLN A 105 2.81 -12.05 -4.50
CA GLN A 105 2.78 -11.96 -5.96
C GLN A 105 1.68 -10.98 -6.38
N ALA A 106 1.99 -10.14 -7.36
CA ALA A 106 1.03 -9.14 -7.82
C ALA A 106 -0.18 -9.82 -8.44
N PRO A 107 -1.39 -9.30 -8.20
CA PRO A 107 -2.58 -9.94 -8.75
C PRO A 107 -2.64 -9.88 -10.27
N GLN A 108 -3.18 -10.93 -10.88
CA GLN A 108 -3.47 -10.91 -12.30
C GLN A 108 -4.35 -9.70 -12.61
N GLY A 109 -3.94 -8.92 -13.59
CA GLY A 109 -4.66 -7.74 -14.00
C GLY A 109 -4.11 -6.45 -13.44
N SER A 110 -3.34 -6.53 -12.35
CA SER A 110 -2.71 -5.37 -11.78
C SER A 110 -1.66 -4.81 -12.73
N ARG A 111 -1.29 -3.56 -12.49
CA ARG A 111 -0.15 -2.92 -13.12
C ARG A 111 0.86 -2.61 -12.04
N SER A 112 2.13 -2.84 -12.35
CA SER A 112 3.23 -2.57 -11.42
C SER A 112 3.86 -1.23 -11.73
N LEU A 113 4.19 -0.49 -10.69
CA LEU A 113 5.08 0.66 -10.82
C LEU A 113 6.52 0.19 -11.07
N THR A 114 7.26 1.01 -11.78
CA THR A 114 8.68 0.77 -12.06
C THR A 114 9.53 1.37 -10.94
N PRO A 115 10.51 0.63 -10.42
CA PRO A 115 11.39 1.21 -9.39
C PRO A 115 12.16 2.43 -9.91
N CYS A 116 12.19 3.48 -9.08
CA CYS A 116 12.84 4.71 -9.48
C CYS A 116 14.36 4.57 -9.44
N THR A 117 14.99 5.05 -10.51
CA THR A 117 16.43 5.23 -10.57
C THR A 117 16.81 6.68 -10.85
N CYS A 118 15.89 7.63 -10.61
CA CYS A 118 16.12 9.04 -10.95
C CYS A 118 17.05 9.74 -9.96
N GLY A 119 17.09 9.27 -8.71
CA GLY A 119 17.80 9.99 -7.68
C GLY A 119 17.15 11.29 -7.28
N SER A 120 15.87 11.49 -7.57
CA SER A 120 15.22 12.74 -7.27
C SER A 120 14.72 12.74 -5.84
N SER A 121 14.73 13.91 -5.22
CA SER A 121 14.25 14.11 -3.86
C SER A 121 12.91 14.86 -3.83
N ASP A 122 12.28 15.05 -4.98
CA ASP A 122 10.96 15.67 -5.06
C ASP A 122 9.93 14.55 -5.28
N LEU A 123 9.29 14.16 -4.20
CA LEU A 123 8.42 12.99 -4.13
C LEU A 123 6.97 13.42 -3.98
N TYR A 124 6.10 12.42 -4.11
CA TYR A 124 4.65 12.57 -4.06
C TYR A 124 4.10 11.34 -3.37
N LEU A 125 3.40 11.53 -2.25
CA LEU A 125 2.74 10.46 -1.52
C LEU A 125 1.28 10.37 -1.96
N VAL A 126 0.86 9.18 -2.33
CA VAL A 126 -0.53 8.90 -2.69
C VAL A 126 -1.24 8.29 -1.49
N THR A 127 -2.34 8.92 -1.06
CA THR A 127 -3.12 8.46 0.07
C THR A 127 -4.35 7.68 -0.40
N ARG A 128 -5.00 7.05 0.58
CA ARG A 128 -6.19 6.25 0.31
C ARG A 128 -7.38 7.11 -0.11
N HIS A 129 -7.32 8.41 0.09
CA HIS A 129 -8.34 9.34 -0.38
C HIS A 129 -7.95 9.98 -1.69
N ALA A 130 -6.94 9.45 -2.37
CA ALA A 130 -6.47 9.92 -3.66
C ALA A 130 -5.87 11.33 -3.58
N ASP A 131 -5.43 11.75 -2.39
CA ASP A 131 -4.60 12.93 -2.30
C ASP A 131 -3.19 12.61 -2.79
N VAL A 132 -2.60 13.55 -3.54
CA VAL A 132 -1.22 13.42 -3.99
C VAL A 132 -0.44 14.53 -3.31
N ILE A 133 0.35 14.15 -2.31
CA ILE A 133 0.89 15.06 -1.31
C ILE A 133 2.38 15.26 -1.60
N PRO A 134 2.81 16.47 -1.94
CA PRO A 134 4.25 16.71 -2.14
C PRO A 134 5.05 16.47 -0.87
N VAL A 135 6.17 15.76 -1.04
CA VAL A 135 7.07 15.37 0.03
C VAL A 135 8.51 15.57 -0.47
N ARG A 136 9.31 16.30 0.31
CA ARG A 136 10.73 16.45 0.01
C ARG A 136 11.51 15.33 0.71
N ARG A 137 12.24 14.55 -0.07
CA ARG A 137 13.05 13.50 0.52
C ARG A 137 14.12 14.10 1.42
N ARG A 138 14.24 13.55 2.64
CA ARG A 138 15.19 14.03 3.63
C ARG A 138 16.20 12.98 4.08
N GLY A 139 16.05 11.75 3.61
CA GLY A 139 16.95 10.67 3.99
C GLY A 139 16.63 9.42 3.19
N ASP A 140 17.37 8.37 3.50
CA ASP A 140 17.11 7.09 2.86
C ASP A 140 15.65 6.66 3.03
N SER A 141 15.08 6.92 4.21
CA SER A 141 13.75 6.40 4.53
C SER A 141 12.80 7.46 5.10
N ARG A 142 13.06 8.74 4.84
CA ARG A 142 12.24 9.82 5.40
C ARG A 142 12.07 10.95 4.40
N GLY A 143 10.95 11.67 4.54
CA GLY A 143 10.67 12.86 3.75
C GLY A 143 9.76 13.78 4.51
N SER A 144 9.83 15.07 4.20
CA SER A 144 9.05 16.08 4.89
C SER A 144 7.89 16.53 4.02
N LEU A 145 6.74 16.75 4.66
CA LEU A 145 5.58 17.27 3.94
C LEU A 145 5.79 18.74 3.64
N LEU A 146 5.56 19.15 2.40
CA LEU A 146 5.67 20.56 2.08
C LEU A 146 4.53 21.35 2.72
N SER A 147 3.38 20.72 2.88
CA SER A 147 2.23 21.33 3.55
C SER A 147 1.79 20.37 4.65
N PRO A 148 2.28 20.56 5.87
CA PRO A 148 1.88 19.69 6.98
C PRO A 148 0.36 19.70 7.19
N ARG A 149 -0.14 18.64 7.80
CA ARG A 149 -1.57 18.51 8.02
C ARG A 149 -1.81 17.46 9.11
N PRO A 150 -3.01 17.44 9.70
CA PRO A 150 -3.28 16.48 10.78
C PRO A 150 -3.01 15.04 10.33
N ILE A 151 -2.50 14.24 11.27
CA ILE A 151 -2.17 12.85 10.93
C ILE A 151 -3.40 12.07 10.50
N SER A 152 -4.59 12.55 10.89
CA SER A 152 -5.84 11.94 10.49
C SER A 152 -5.92 11.75 8.98
N TYR A 153 -5.33 12.67 8.21
CA TYR A 153 -5.40 12.60 6.77
C TYR A 153 -4.50 11.53 6.18
N LEU A 154 -3.48 11.08 6.93
CA LEU A 154 -2.58 10.02 6.48
C LEU A 154 -2.96 8.65 7.02
N LYS A 155 -3.79 8.60 8.05
CA LYS A 155 -4.18 7.33 8.65
C LYS A 155 -4.89 6.47 7.62
N GLY A 156 -4.45 5.22 7.50
CA GLY A 156 -5.01 4.29 6.53
C GLY A 156 -4.32 4.30 5.18
N SER A 157 -3.22 5.02 5.03
CA SER A 157 -2.48 5.09 3.78
C SER A 157 -1.13 4.38 3.83
N SER A 158 -0.76 3.78 4.96
CA SER A 158 0.40 2.90 4.97
C SER A 158 0.26 1.84 3.87
N GLY A 159 1.38 1.52 3.24
CA GLY A 159 1.42 0.66 2.06
C GLY A 159 1.26 1.39 0.75
N GLY A 160 0.93 2.68 0.79
CA GLY A 160 0.81 3.48 -0.41
C GLY A 160 2.18 3.92 -0.89
N PRO A 161 2.27 4.36 -2.13
CA PRO A 161 3.55 4.71 -2.72
C PRO A 161 3.98 6.15 -2.47
N LEU A 162 5.30 6.31 -2.35
CA LEU A 162 5.96 7.57 -2.68
C LEU A 162 6.50 7.45 -4.10
N LEU A 163 6.14 8.43 -4.93
CA LEU A 163 6.49 8.45 -6.34
C LEU A 163 7.42 9.61 -6.64
N CYS A 164 8.27 9.41 -7.63
CA CYS A 164 9.11 10.48 -8.16
C CYS A 164 8.32 11.28 -9.19
N PRO A 165 8.91 12.37 -9.70
CA PRO A 165 8.17 13.18 -10.70
C PRO A 165 7.83 12.42 -11.96
N ALA A 166 8.60 11.38 -12.31
CA ALA A 166 8.33 10.56 -13.47
C ALA A 166 7.32 9.43 -13.21
N GLY A 167 6.78 9.32 -12.00
CA GLY A 167 5.83 8.29 -11.71
C GLY A 167 6.44 6.95 -11.33
N HIS A 168 7.75 6.90 -11.06
CA HIS A 168 8.39 5.70 -10.55
C HIS A 168 8.13 5.55 -9.05
N ALA A 169 8.24 4.32 -8.56
CA ALA A 169 8.12 4.06 -7.12
C ALA A 169 9.45 4.34 -6.43
N VAL A 170 9.41 5.22 -5.44
CA VAL A 170 10.56 5.51 -4.61
C VAL A 170 10.45 4.81 -3.25
N GLY A 171 9.25 4.49 -2.80
CA GLY A 171 9.12 3.88 -1.50
C GLY A 171 7.69 3.52 -1.15
N ILE A 172 7.56 2.80 -0.03
CA ILE A 172 6.28 2.38 0.54
C ILE A 172 6.09 3.06 1.89
N PHE A 173 5.02 3.84 2.01
CA PHE A 173 4.70 4.58 3.22
C PHE A 173 4.46 3.65 4.42
N ARG A 174 5.18 3.88 5.51
CA ARG A 174 4.96 3.06 6.69
C ARG A 174 4.68 3.82 7.98
N ALA A 175 5.19 5.04 8.14
CA ALA A 175 4.91 5.73 9.40
C ALA A 175 4.89 7.25 9.21
N ALA A 176 4.20 7.92 10.15
CA ALA A 176 4.10 9.36 10.16
C ALA A 176 4.68 9.95 11.44
N VAL A 177 5.40 11.06 11.27
CA VAL A 177 6.02 11.83 12.35
C VAL A 177 5.21 13.10 12.55
N SER A 178 4.72 13.31 13.77
CA SER A 178 3.85 14.43 14.05
C SER A 178 4.31 15.18 15.29
N THR A 179 3.85 16.43 15.41
CA THR A 179 3.95 17.21 16.63
C THR A 179 2.59 17.85 16.86
N ARG A 180 1.98 17.57 18.01
CA ARG A 180 0.66 18.11 18.32
C ARG A 180 -0.37 17.61 17.31
N GLY A 181 -0.20 16.34 16.89
CA GLY A 181 -1.09 15.71 15.95
C GLY A 181 -0.94 16.16 14.51
N VAL A 182 0.05 17.02 14.21
CA VAL A 182 0.26 17.54 12.86
C VAL A 182 1.41 16.76 12.24
N ALA A 183 1.14 16.14 11.09
CA ALA A 183 2.16 15.38 10.39
C ALA A 183 3.12 16.35 9.71
N LYS A 184 4.40 16.26 10.08
CA LYS A 184 5.47 17.03 9.48
C LYS A 184 6.34 16.20 8.55
N ALA A 185 6.46 14.90 8.80
CA ALA A 185 7.35 14.05 8.03
C ALA A 185 6.79 12.65 7.97
N VAL A 186 7.27 11.88 7.00
CA VAL A 186 6.87 10.49 6.81
C VAL A 186 8.10 9.61 6.72
N ALA A 187 7.91 8.35 7.10
CA ALA A 187 8.90 7.31 6.94
C ALA A 187 8.37 6.28 5.93
N PHE A 188 9.30 5.71 5.15
CA PHE A 188 8.91 4.78 4.11
C PHE A 188 10.02 3.74 3.92
N ILE A 189 9.61 2.59 3.40
CA ILE A 189 10.54 1.56 2.96
C ILE A 189 11.07 1.98 1.59
N PRO A 190 12.37 2.26 1.45
CA PRO A 190 12.86 2.67 0.13
C PRO A 190 12.82 1.53 -0.88
N VAL A 191 12.59 1.91 -2.14
CA VAL A 191 12.45 0.89 -3.19
C VAL A 191 13.71 0.02 -3.27
N GLU A 192 14.87 0.59 -2.95
CA GLU A 192 16.11 -0.21 -2.95
C GLU A 192 16.06 -1.32 -1.90
N SER A 193 15.40 -1.06 -0.76
CA SER A 193 15.23 -2.08 0.25
C SER A 193 14.27 -3.18 -0.21
N LEU A 194 13.29 -2.81 -1.06
CA LEU A 194 12.47 -3.85 -1.69
C LEU A 194 13.30 -4.64 -2.70
N GLU A 195 14.04 -3.93 -3.57
CA GLU A 195 14.84 -4.57 -4.61
C GLU A 195 15.86 -5.52 -4.01
N THR A 196 16.40 -5.18 -2.84
CA THR A 196 17.24 -6.11 -2.11
C THR A 196 16.45 -7.34 -1.71
N THR A 197 15.39 -7.14 -0.93
CA THR A 197 14.51 -8.25 -0.56
C THR A 197 14.17 -9.10 -1.78
N SER A 198 13.87 -8.46 -2.90
CA SER A 198 13.52 -9.17 -4.13
C SER A 198 14.69 -10.07 -4.56
#